data_2QOQ
#
_entry.id   2QOQ
#
_cell.length_a   54.043
_cell.length_b   38.324
_cell.length_c   76.514
_cell.angle_alpha   90.00
_cell.angle_beta   102.33
_cell.angle_gamma   90.00
#
_symmetry.space_group_name_H-M   'P 1 21 1'
#
loop_
_entity.id
_entity.type
_entity.pdbx_description
1 polymer 'Ephrin receptor'
2 non-polymer 'MAGNESIUM ION'
3 non-polymer 'PHOSPHOAMINOPHOSPHONIC ACID-ADENYLATE ESTER'
4 water water
#
_entity_poly.entity_id   1
_entity_poly.type   'polypeptide(L)'
_entity_poly.pdbx_seq_one_letter_code
;GSDEKRLHFGNGHLKLPGLRTYVDPHTYEDPTQTVHEFAKELDATNISIDKVVGAGEFGEVCSGRLKLPSKKEISVAIKT
LKVGYTEKQRRDFLGEASIMGQFDHPNIIRLEGVVTKSKPVMIVTE(PTR)MENGSLDSFLRKHDAQFTVIQLVGMLRGI
ASGMKYLSDMGYVHRDLAARNILINSNLVCKVSDFGLSRVLEDDPEAAYTTRGGKIPIRWTSPEAIAYRKFTSASDVWSY
GIVLWEVMSYGERPYWEMSNQDVIKAVDEGYRLPPPMDCPAALYQLMLDCWQKDRNNRPKFEQIVSILDKLIRNPGSLKI
ITSAAARPSNLLLDQSNVDITTFRTTGDWLNGVWTAHCKEIFTGVEYSSCDTIAKIS
;
_entity_poly.pdbx_strand_id   A
#
loop_
_chem_comp.id
_chem_comp.type
_chem_comp.name
_chem_comp.formula
ANP non-polymer 'PHOSPHOAMINOPHOSPHONIC ACID-ADENYLATE ESTER' 'C10 H17 N6 O12 P3'
MG non-polymer 'MAGNESIUM ION' 'Mg 2'
#
# COMPACT_ATOMS: atom_id res chain seq x y z
N THR A 21 14.26 8.94 -10.07
CA THR A 21 14.18 7.57 -10.62
C THR A 21 14.55 6.48 -9.60
N TYR A 22 13.70 5.47 -9.54
CA TYR A 22 13.95 4.24 -8.81
C TYR A 22 15.05 3.45 -9.52
N VAL A 23 15.85 2.71 -8.74
CA VAL A 23 16.82 1.77 -9.30
C VAL A 23 16.57 0.37 -8.71
N ASP A 24 16.37 -0.62 -9.58
CA ASP A 24 16.08 -1.98 -9.12
C ASP A 24 17.33 -2.60 -8.51
N PRO A 25 17.26 -2.99 -7.23
CA PRO A 25 18.40 -3.54 -6.51
C PRO A 25 19.25 -4.52 -7.33
N HIS A 26 18.62 -5.25 -8.25
CA HIS A 26 19.35 -6.07 -9.22
C HIS A 26 18.92 -5.73 -10.64
N GLU A 29 25.17 -6.59 -9.01
CA GLU A 29 25.37 -7.77 -8.18
C GLU A 29 26.29 -7.45 -7.00
N ASP A 30 25.80 -6.60 -6.09
CA ASP A 30 26.67 -5.91 -5.15
C ASP A 30 27.30 -6.88 -4.16
N PRO A 31 28.49 -6.53 -3.67
CA PRO A 31 29.26 -7.43 -2.82
C PRO A 31 28.40 -8.06 -1.73
N THR A 32 27.63 -7.24 -1.03
CA THR A 32 26.65 -7.73 -0.06
C THR A 32 25.46 -6.77 -0.11
N GLN A 33 25.67 -5.56 0.42
CA GLN A 33 24.59 -4.60 0.64
C GLN A 33 24.43 -3.56 -0.47
N THR A 34 23.29 -3.61 -1.16
CA THR A 34 22.78 -2.45 -1.88
C THR A 34 21.89 -1.63 -0.94
N VAL A 35 21.65 -2.17 0.26
CA VAL A 35 20.80 -1.55 1.25
C VAL A 35 21.46 -0.30 1.83
N HIS A 36 22.77 -0.35 2.04
CA HIS A 36 23.48 0.79 2.65
C HIS A 36 23.57 2.00 1.72
N GLU A 37 23.34 1.80 0.42
CA GLU A 37 23.18 2.91 -0.50
C GLU A 37 21.92 3.72 -0.18
N PHE A 38 20.87 3.04 0.26
CA PHE A 38 19.57 3.70 0.52
C PHE A 38 19.05 3.53 1.95
N ALA A 39 19.86 2.98 2.85
CA ALA A 39 19.44 2.73 4.23
C ALA A 39 20.55 3.10 5.22
N LYS A 40 20.19 3.88 6.23
CA LYS A 40 21.10 4.21 7.31
C LYS A 40 21.33 3.00 8.22
N GLU A 41 22.59 2.75 8.57
CA GLU A 41 22.91 1.75 9.60
C GLU A 41 22.66 2.40 10.96
N LEU A 42 21.74 1.82 11.72
CA LEU A 42 21.41 2.33 13.04
C LEU A 42 22.25 1.63 14.09
N ASP A 43 22.55 2.35 15.16
CA ASP A 43 23.20 1.80 16.33
C ASP A 43 22.10 1.20 17.20
N ALA A 44 22.17 -0.11 17.46
CA ALA A 44 21.12 -0.80 18.21
C ALA A 44 20.93 -0.29 19.64
N THR A 45 21.91 0.42 20.18
CA THR A 45 21.75 1.06 21.49
C THR A 45 20.64 2.12 21.47
N ASN A 46 20.31 2.59 20.27
CA ASN A 46 19.29 3.62 20.09
C ASN A 46 17.90 3.04 19.90
N ILE A 47 17.79 1.72 19.87
CA ILE A 47 16.52 1.03 19.62
C ILE A 47 16.06 0.34 20.90
N SER A 48 14.80 0.58 21.29
CA SER A 48 14.17 -0.18 22.37
C SER A 48 12.91 -0.86 21.83
N ILE A 49 12.66 -2.08 22.28
CA ILE A 49 11.52 -2.86 21.84
C ILE A 49 10.44 -2.81 22.91
N ASP A 50 9.20 -2.57 22.48
CA ASP A 50 8.06 -2.53 23.39
CA ASP A 50 8.07 -2.53 23.40
C ASP A 50 7.29 -3.86 23.35
N LYS A 51 6.58 -4.12 22.26
CA LYS A 51 5.76 -5.34 22.16
C LYS A 51 5.67 -5.87 20.75
N VAL A 52 5.35 -7.16 20.63
CA VAL A 52 5.10 -7.77 19.33
C VAL A 52 3.75 -7.33 18.80
N VAL A 53 3.71 -6.89 17.55
CA VAL A 53 2.49 -6.36 16.94
C VAL A 53 2.05 -7.10 15.67
N GLY A 54 2.88 -8.04 15.20
CA GLY A 54 2.58 -8.79 14.00
C GLY A 54 3.60 -9.87 13.73
N ALA A 55 3.38 -10.60 12.65
CA ALA A 55 4.28 -11.65 12.21
C ALA A 55 4.45 -11.50 10.70
N GLY A 56 5.68 -11.65 10.24
CA GLY A 56 5.98 -11.53 8.83
C GLY A 56 6.58 -12.79 8.27
N GLU A 57 6.84 -12.75 6.96
CA GLU A 57 7.47 -13.84 6.25
C GLU A 57 8.81 -14.21 6.88
N PHE A 58 9.54 -13.22 7.37
CA PHE A 58 10.95 -13.39 7.79
C PHE A 58 11.20 -13.37 9.29
N GLY A 59 10.16 -13.12 10.09
CA GLY A 59 10.30 -13.01 11.54
C GLY A 59 9.21 -12.14 12.14
N GLU A 60 9.42 -11.68 13.36
CA GLU A 60 8.41 -10.89 14.08
C GLU A 60 8.42 -9.43 13.66
N VAL A 61 7.29 -8.76 13.91
CA VAL A 61 7.19 -7.31 13.86
C VAL A 61 6.82 -6.81 15.25
N CYS A 62 7.56 -5.81 15.73
CA CYS A 62 7.33 -5.22 17.05
CA CYS A 62 7.25 -5.23 17.03
C CYS A 62 7.20 -3.72 16.93
N SER A 63 6.71 -3.10 17.99
CA SER A 63 6.71 -1.66 18.10
C SER A 63 7.79 -1.31 19.12
N GLY A 64 8.27 -0.08 19.05
CA GLY A 64 9.32 0.37 19.93
C GLY A 64 9.63 1.84 19.74
N ARG A 65 10.85 2.21 20.14
CA ARG A 65 11.29 3.60 20.12
C ARG A 65 12.68 3.69 19.53
N LEU A 66 12.93 4.76 18.79
CA LEU A 66 14.24 5.04 18.22
C LEU A 66 14.74 6.40 18.70
N LYS A 67 15.96 6.44 19.22
CA LYS A 67 16.58 7.71 19.57
C LYS A 67 17.43 8.16 18.38
N LEU A 68 17.07 9.34 17.86
CA LEU A 68 17.70 9.90 16.66
C LEU A 68 19.02 10.58 17.08
N PRO A 69 19.88 10.92 16.11
CA PRO A 69 21.17 11.55 16.41
C PRO A 69 21.04 12.87 17.15
N SER A 70 19.94 13.59 16.88
CA SER A 70 19.58 14.83 17.56
C SER A 70 19.07 14.61 18.99
N LYS A 71 18.94 13.36 19.40
CA LYS A 71 18.40 12.96 20.71
C LYS A 71 16.87 12.89 20.77
N LYS A 72 16.18 13.34 19.73
CA LYS A 72 14.73 13.17 19.68
C LYS A 72 14.41 11.69 19.69
N GLU A 73 13.33 11.33 20.37
CA GLU A 73 12.89 9.94 20.43
C GLU A 73 11.55 9.81 19.70
N ILE A 74 11.46 8.83 18.80
CA ILE A 74 10.24 8.60 18.04
C ILE A 74 9.77 7.17 18.17
N SER A 75 8.47 6.95 17.93
CA SER A 75 7.93 5.58 17.85
C SER A 75 8.25 4.98 16.50
N VAL A 76 8.57 3.68 16.51
CA VAL A 76 8.91 2.96 15.31
C VAL A 76 8.35 1.55 15.32
N ALA A 77 8.24 0.97 14.12
CA ALA A 77 8.00 -0.47 13.98
C ALA A 77 9.33 -1.11 13.68
N ILE A 78 9.54 -2.30 14.23
CA ILE A 78 10.80 -3.00 14.08
C ILE A 78 10.50 -4.39 13.55
N LYS A 79 11.14 -4.75 12.45
CA LYS A 79 11.03 -6.09 11.90
C LYS A 79 12.36 -6.77 12.06
N THR A 80 12.34 -8.01 12.56
CA THR A 80 13.56 -8.77 12.81
C THR A 80 13.63 -9.95 11.84
N LEU A 81 14.85 -10.33 11.47
CA LEU A 81 15.08 -11.51 10.64
C LEU A 81 15.27 -12.71 11.58
N LYS A 82 14.51 -13.77 11.35
CA LYS A 82 14.49 -14.91 12.28
C LYS A 82 15.86 -15.54 12.43
N VAL A 83 16.12 -16.13 13.59
CA VAL A 83 17.39 -16.81 13.83
C VAL A 83 17.48 -18.02 12.90
N GLY A 84 18.67 -18.26 12.36
CA GLY A 84 18.87 -19.39 11.46
C GLY A 84 18.36 -19.15 10.05
N TYR A 85 18.25 -17.88 9.69
CA TYR A 85 17.83 -17.47 8.35
C TYR A 85 18.76 -18.01 7.25
N THR A 86 18.17 -18.28 6.09
CA THR A 86 18.92 -18.59 4.88
C THR A 86 19.44 -17.29 4.26
N GLU A 87 20.50 -17.38 3.47
CA GLU A 87 21.07 -16.20 2.83
C GLU A 87 20.09 -15.57 1.82
N LYS A 88 19.24 -16.41 1.22
CA LYS A 88 18.16 -15.93 0.36
C LYS A 88 17.12 -15.15 1.16
N GLN A 89 16.80 -15.62 2.36
CA GLN A 89 15.88 -14.91 3.26
C GLN A 89 16.44 -13.54 3.64
N ARG A 90 17.74 -13.49 3.95
CA ARG A 90 18.40 -12.21 4.27
C ARG A 90 18.36 -11.24 3.10
N ARG A 91 18.59 -11.74 1.89
CA ARG A 91 18.59 -10.90 0.70
C ARG A 91 17.19 -10.36 0.39
N ASP A 92 16.18 -11.22 0.50
CA ASP A 92 14.79 -10.81 0.28
C ASP A 92 14.35 -9.81 1.36
N PHE A 93 14.72 -10.10 2.61
CA PHE A 93 14.38 -9.25 3.74
C PHE A 93 14.94 -7.84 3.55
N LEU A 94 16.26 -7.75 3.40
CA LEU A 94 16.92 -6.46 3.25
C LEU A 94 16.60 -5.79 1.92
N GLY A 95 16.24 -6.59 0.92
CA GLY A 95 15.83 -6.07 -0.38
C GLY A 95 14.64 -5.13 -0.28
N GLU A 96 13.68 -5.46 0.59
CA GLU A 96 12.56 -4.55 0.84
C GLU A 96 13.05 -3.18 1.31
N ALA A 97 14.01 -3.19 2.23
CA ALA A 97 14.57 -1.96 2.77
C ALA A 97 15.27 -1.14 1.69
N SER A 98 15.95 -1.83 0.77
N SER A 98 15.97 -1.83 0.79
CA SER A 98 16.68 -1.17 -0.31
CA SER A 98 16.67 -1.18 -0.31
C SER A 98 15.76 -0.49 -1.32
C SER A 98 15.68 -0.38 -1.15
N ILE A 99 14.51 -0.97 -1.42
CA ILE A 99 13.50 -0.32 -2.23
C ILE A 99 12.87 0.83 -1.45
N MET A 100 12.38 0.53 -0.25
CA MET A 100 11.69 1.52 0.60
C MET A 100 12.53 2.77 0.80
N GLY A 101 13.83 2.59 1.06
CA GLY A 101 14.74 3.69 1.33
C GLY A 101 14.97 4.64 0.15
N GLN A 102 14.55 4.23 -1.03
CA GLN A 102 14.64 5.11 -2.20
C GLN A 102 13.54 6.18 -2.20
N PHE A 103 12.53 6.01 -1.36
CA PHE A 103 11.38 6.90 -1.38
C PHE A 103 11.35 7.73 -0.10
N ASP A 104 11.13 9.02 -0.27
CA ASP A 104 10.95 9.93 0.84
C ASP A 104 9.72 10.79 0.52
N HIS A 105 8.58 10.39 1.06
CA HIS A 105 7.30 10.99 0.72
C HIS A 105 6.37 10.80 1.92
N PRO A 106 5.53 11.80 2.21
CA PRO A 106 4.64 11.65 3.38
C PRO A 106 3.63 10.51 3.32
N ASN A 107 3.34 9.99 2.12
CA ASN A 107 2.40 8.89 1.95
C ASN A 107 3.05 7.57 1.52
N ILE A 108 4.36 7.46 1.74
CA ILE A 108 5.07 6.20 1.61
CA ILE A 108 5.09 6.21 1.60
C ILE A 108 5.75 5.91 2.94
N ILE A 109 5.62 4.69 3.43
CA ILE A 109 6.21 4.38 4.74
C ILE A 109 7.68 4.72 4.75
N ARG A 110 8.09 5.42 5.82
CA ARG A 110 9.44 5.93 5.99
C ARG A 110 10.36 4.87 6.58
N LEU A 111 11.47 4.61 5.90
CA LEU A 111 12.53 3.75 6.47
C LEU A 111 13.42 4.60 7.39
N GLU A 112 13.45 4.27 8.68
CA GLU A 112 14.35 4.96 9.60
C GLU A 112 15.78 4.42 9.47
N GLY A 113 15.90 3.12 9.23
CA GLY A 113 17.20 2.52 8.98
C GLY A 113 17.17 1.02 9.18
N VAL A 114 18.36 0.43 9.13
CA VAL A 114 18.53 -0.99 9.31
C VAL A 114 19.62 -1.28 10.33
N VAL A 115 19.58 -2.48 10.91
CA VAL A 115 20.68 -3.00 11.71
C VAL A 115 21.17 -4.28 11.04
N THR A 116 22.41 -4.27 10.57
CA THR A 116 23.00 -5.42 9.88
C THR A 116 24.32 -5.90 10.50
N LYS A 117 24.98 -5.02 11.26
CA LYS A 117 26.28 -5.34 11.85
C LYS A 117 26.16 -6.10 13.16
N SER A 118 24.93 -6.35 13.59
CA SER A 118 24.64 -7.23 14.71
C SER A 118 23.39 -8.02 14.37
N LYS A 119 23.23 -9.16 15.02
CA LYS A 119 22.11 -10.05 14.76
C LYS A 119 21.28 -10.15 16.06
N PRO A 120 19.93 -10.23 15.96
CA PRO A 120 19.15 -10.26 14.71
C PRO A 120 19.23 -8.99 13.86
N VAL A 121 19.24 -9.19 12.54
CA VAL A 121 19.18 -8.11 11.57
C VAL A 121 17.78 -7.46 11.67
N MET A 122 17.73 -6.14 11.51
CA MET A 122 16.50 -5.38 11.72
C MET A 122 16.23 -4.35 10.63
N ILE A 123 14.95 -4.15 10.36
CA ILE A 123 14.49 -3.02 9.55
C ILE A 123 13.58 -2.19 10.45
N VAL A 124 13.84 -0.88 10.50
CA VAL A 124 13.11 0.03 11.39
C VAL A 124 12.36 1.06 10.55
N THR A 125 11.06 1.15 10.74
CA THR A 125 10.19 2.04 9.97
C THR A 125 9.35 2.91 10.88
N GLU A 126 8.75 3.96 10.33
CA GLU A 126 7.88 4.82 11.14
C GLU A 126 6.70 3.98 11.68
N PTR A 127 6.29 4.29 12.89
CA PTR A 127 5.18 3.59 13.53
C PTR A 127 3.84 4.10 13.01
O PTR A 127 3.65 5.31 12.92
CB PTR A 127 5.27 3.85 15.03
CG PTR A 127 4.17 3.21 15.85
CD1 PTR A 127 4.08 1.84 15.97
CD2 PTR A 127 3.26 4.00 16.52
CE1 PTR A 127 3.06 1.25 16.75
CE2 PTR A 127 2.26 3.44 17.29
CZ PTR A 127 2.17 2.07 17.41
OH PTR A 127 1.27 1.57 18.10
P PTR A 127 1.11 1.86 19.68
O1P PTR A 127 1.22 3.30 19.99
O2P PTR A 127 2.22 1.11 20.44
O3P PTR A 127 -0.28 1.37 20.14
N MET A 128 2.92 3.18 12.74
CA MET A 128 1.58 3.51 12.25
C MET A 128 0.57 2.89 13.20
N GLU A 129 0.05 3.72 14.09
CA GLU A 129 -0.68 3.23 15.26
C GLU A 129 -1.89 2.38 14.91
N ASN A 130 -2.58 2.73 13.82
CA ASN A 130 -3.83 2.06 13.44
C ASN A 130 -3.66 0.89 12.46
N GLY A 131 -2.41 0.53 12.16
CA GLY A 131 -2.14 -0.74 11.50
C GLY A 131 -2.55 -0.77 10.04
N SER A 132 -2.87 -1.97 9.55
CA SER A 132 -3.24 -2.15 8.15
C SER A 132 -4.64 -1.60 7.90
N LEU A 133 -4.81 -0.96 6.75
CA LEU A 133 -6.02 -0.19 6.49
C LEU A 133 -7.27 -1.06 6.40
N ASP A 134 -7.16 -2.23 5.76
CA ASP A 134 -8.34 -3.06 5.57
C ASP A 134 -8.91 -3.51 6.93
N SER A 135 -8.05 -4.01 7.80
CA SER A 135 -8.50 -4.46 9.14
C SER A 135 -9.03 -3.30 9.98
N PHE A 136 -8.37 -2.13 9.89
CA PHE A 136 -8.84 -0.94 10.58
C PHE A 136 -10.26 -0.58 10.15
N LEU A 137 -10.51 -0.51 8.85
CA LEU A 137 -11.85 -0.13 8.37
C LEU A 137 -12.93 -1.16 8.75
N ARG A 138 -12.57 -2.44 8.77
CA ARG A 138 -13.52 -3.48 9.16
C ARG A 138 -14.00 -3.32 10.61
N LYS A 139 -13.16 -2.72 11.44
CA LYS A 139 -13.54 -2.48 12.83
CA LYS A 139 -13.50 -2.44 12.85
C LYS A 139 -14.44 -1.24 12.96
N HIS A 140 -14.56 -0.45 11.89
CA HIS A 140 -15.31 0.81 11.98
C HIS A 140 -16.39 0.98 10.90
N ASP A 141 -17.03 -0.11 10.54
CA ASP A 141 -17.97 -0.12 9.43
C ASP A 141 -18.97 1.03 9.57
N ALA A 142 -19.03 1.87 8.53
CA ALA A 142 -19.97 3.00 8.43
C ALA A 142 -19.77 4.12 9.46
N GLN A 143 -18.59 4.19 10.06
CA GLN A 143 -18.31 5.13 11.17
C GLN A 143 -17.50 6.38 10.79
N PHE A 144 -17.02 6.48 9.55
CA PHE A 144 -16.30 7.66 9.12
C PHE A 144 -17.13 8.49 8.15
N THR A 145 -16.83 9.77 8.06
CA THR A 145 -17.48 10.63 7.09
C THR A 145 -16.90 10.36 5.72
N VAL A 146 -17.66 10.69 4.67
CA VAL A 146 -17.14 10.54 3.31
C VAL A 146 -15.87 11.37 3.11
N ILE A 147 -15.81 12.56 3.68
CA ILE A 147 -14.58 13.39 3.56
C ILE A 147 -13.39 12.73 4.25
N GLN A 148 -13.60 12.05 5.37
CA GLN A 148 -12.52 11.31 6.01
C GLN A 148 -11.99 10.20 5.09
N LEU A 149 -12.90 9.45 4.48
CA LEU A 149 -12.51 8.38 3.56
C LEU A 149 -11.78 8.94 2.35
N VAL A 150 -12.25 10.06 1.81
CA VAL A 150 -11.60 10.68 0.65
C VAL A 150 -10.19 11.17 1.01
N GLY A 151 -10.03 11.68 2.22
CA GLY A 151 -8.70 12.05 2.70
C GLY A 151 -7.74 10.89 2.70
N MET A 152 -8.21 9.72 3.17
CA MET A 152 -7.39 8.50 3.16
C MET A 152 -7.00 8.16 1.72
N LEU A 153 -7.97 8.22 0.82
CA LEU A 153 -7.78 7.82 -0.57
C LEU A 153 -6.83 8.78 -1.29
N ARG A 154 -6.94 10.07 -0.95
CA ARG A 154 -6.05 11.08 -1.53
C ARG A 154 -4.59 10.83 -1.14
N GLY A 155 -4.36 10.47 0.12
CA GLY A 155 -3.02 10.16 0.58
C GLY A 155 -2.44 8.99 -0.18
N ILE A 156 -3.21 7.92 -0.30
CA ILE A 156 -2.76 6.73 -1.04
C ILE A 156 -2.43 7.12 -2.48
N ALA A 157 -3.30 7.89 -3.13
CA ALA A 157 -3.04 8.30 -4.52
C ALA A 157 -1.78 9.15 -4.65
N SER A 158 -1.54 10.00 -3.66
CA SER A 158 -0.36 10.85 -3.66
C SER A 158 0.91 10.02 -3.53
N GLY A 159 0.91 9.03 -2.65
CA GLY A 159 2.06 8.13 -2.54
C GLY A 159 2.30 7.39 -3.85
N MET A 160 1.22 6.89 -4.44
CA MET A 160 1.35 6.18 -5.74
C MET A 160 1.83 7.09 -6.86
N LYS A 161 1.44 8.36 -6.83
CA LYS A 161 1.91 9.31 -7.83
C LYS A 161 3.44 9.41 -7.73
N TYR A 162 3.97 9.47 -6.52
CA TYR A 162 5.43 9.57 -6.37
C TYR A 162 6.09 8.26 -6.80
N LEU A 163 5.51 7.12 -6.45
CA LEU A 163 6.13 5.85 -6.82
C LEU A 163 6.20 5.71 -8.35
N SER A 164 5.11 6.07 -9.01
CA SER A 164 5.03 6.00 -10.47
C SER A 164 5.98 7.02 -11.10
N ASP A 165 6.11 8.19 -10.47
CA ASP A 165 7.10 9.20 -10.93
C ASP A 165 8.52 8.66 -10.89
N MET A 166 8.79 7.79 -9.93
CA MET A 166 10.12 7.21 -9.74
C MET A 166 10.33 5.99 -10.64
N GLY A 167 9.31 5.57 -11.36
CA GLY A 167 9.40 4.43 -12.27
C GLY A 167 9.24 3.08 -11.61
N TYR A 168 8.64 3.15 -10.43
CA TYR A 168 8.44 1.94 -9.67
C TYR A 168 7.03 1.38 -9.86
N VAL A 169 6.82 0.17 -10.28
CA VAL A 169 5.50 -0.45 -10.34
C VAL A 169 5.36 -1.34 -9.10
N HIS A 170 4.34 -1.09 -8.29
CA HIS A 170 4.20 -1.74 -6.99
C HIS A 170 3.78 -3.21 -7.11
N ARG A 171 2.75 -3.45 -7.92
CA ARG A 171 2.22 -4.79 -8.26
C ARG A 171 1.42 -5.48 -7.16
N ASP A 172 1.39 -4.89 -5.96
CA ASP A 172 0.64 -5.48 -4.84
C ASP A 172 -0.26 -4.47 -4.13
N LEU A 173 -0.61 -3.37 -4.81
CA LEU A 173 -1.39 -2.31 -4.18
C LEU A 173 -2.74 -2.86 -3.76
N ALA A 174 -2.98 -2.90 -2.45
CA ALA A 174 -4.20 -3.43 -1.85
C ALA A 174 -4.35 -2.77 -0.48
N ALA A 175 -5.58 -2.68 0.04
CA ALA A 175 -5.77 -2.04 1.33
C ALA A 175 -4.97 -2.70 2.46
N ARG A 176 -4.73 -4.01 2.37
CA ARG A 176 -3.91 -4.70 3.39
C ARG A 176 -2.44 -4.27 3.39
N ASN A 177 -2.00 -3.65 2.29
CA ASN A 177 -0.64 -3.15 2.14
C ASN A 177 -0.52 -1.64 2.30
N ILE A 178 -1.57 -1.02 2.84
CA ILE A 178 -1.54 0.38 3.23
C ILE A 178 -1.64 0.41 4.76
N LEU A 179 -0.83 1.24 5.38
CA LEU A 179 -0.84 1.40 6.85
C LEU A 179 -1.43 2.76 7.18
N ILE A 180 -2.03 2.88 8.35
CA ILE A 180 -2.72 4.12 8.71
C ILE A 180 -2.32 4.54 10.11
N ASN A 181 -1.99 5.83 10.28
CA ASN A 181 -1.45 6.30 11.56
C ASN A 181 -2.51 6.89 12.47
N SER A 182 -2.07 7.42 13.61
CA SER A 182 -3.02 7.91 14.61
C SER A 182 -3.92 9.04 14.07
N ASN A 183 -3.43 9.79 13.09
CA ASN A 183 -4.19 10.90 12.48
C ASN A 183 -4.92 10.52 11.17
N LEU A 184 -5.01 9.21 10.92
CA LEU A 184 -5.69 8.63 9.76
C LEU A 184 -4.95 8.86 8.46
N VAL A 185 -3.67 9.20 8.55
CA VAL A 185 -2.87 9.36 7.33
C VAL A 185 -2.44 7.99 6.83
N CYS A 186 -2.71 7.73 5.55
CA CYS A 186 -2.48 6.44 4.92
C CYS A 186 -1.21 6.46 4.08
N LYS A 187 -0.45 5.38 4.14
CA LYS A 187 0.85 5.33 3.52
C LYS A 187 1.07 3.98 2.88
N VAL A 188 1.63 4.01 1.68
CA VAL A 188 1.90 2.78 0.94
C VAL A 188 3.05 2.01 1.61
N SER A 189 2.86 0.69 1.73
CA SER A 189 3.81 -0.22 2.36
C SER A 189 4.01 -1.44 1.44
N ASP A 190 4.70 -2.46 1.95
CA ASP A 190 4.83 -3.73 1.25
C ASP A 190 5.57 -3.56 -0.06
N PHE A 191 6.88 -3.35 0.03
CA PHE A 191 7.74 -3.30 -1.15
C PHE A 191 8.57 -4.56 -1.29
N GLY A 192 7.91 -5.71 -1.34
CA GLY A 192 8.54 -6.94 -1.76
C GLY A 192 8.19 -7.30 -3.19
N LYS A 211 3.90 -13.34 -8.16
CA LYS A 211 2.64 -14.01 -8.52
C LYS A 211 1.82 -14.39 -7.29
N ILE A 212 0.50 -14.12 -7.25
CA ILE A 212 -0.25 -13.15 -8.07
C ILE A 212 -1.49 -12.76 -7.23
N PRO A 213 -1.57 -11.51 -6.75
CA PRO A 213 -2.83 -11.13 -6.08
C PRO A 213 -3.88 -10.89 -7.17
N ILE A 214 -4.64 -11.93 -7.50
CA ILE A 214 -5.53 -11.93 -8.67
C ILE A 214 -6.59 -10.84 -8.55
N ARG A 215 -7.19 -10.72 -7.37
CA ARG A 215 -8.28 -9.76 -7.17
C ARG A 215 -7.88 -8.30 -7.36
N TRP A 216 -6.59 -8.01 -7.22
CA TRP A 216 -6.11 -6.63 -7.30
C TRP A 216 -5.40 -6.33 -8.61
N THR A 217 -5.25 -7.34 -9.46
CA THR A 217 -4.40 -7.23 -10.63
C THR A 217 -5.18 -6.94 -11.91
N SER A 218 -4.63 -6.08 -12.76
CA SER A 218 -5.32 -5.69 -13.98
C SER A 218 -5.47 -6.89 -14.92
N PRO A 219 -6.49 -6.87 -15.79
CA PRO A 219 -6.66 -8.02 -16.69
C PRO A 219 -5.42 -8.33 -17.57
N GLU A 220 -4.75 -7.28 -18.05
CA GLU A 220 -3.57 -7.47 -18.93
C GLU A 220 -2.38 -8.01 -18.14
N ALA A 221 -2.29 -7.66 -16.86
CA ALA A 221 -1.23 -8.18 -16.01
C ALA A 221 -1.48 -9.66 -15.69
N ILE A 222 -2.75 -10.03 -15.49
CA ILE A 222 -3.13 -11.44 -15.33
C ILE A 222 -2.86 -12.20 -16.64
N ALA A 223 -3.27 -11.62 -17.76
CA ALA A 223 -3.27 -12.32 -19.05
C ALA A 223 -1.85 -12.64 -19.52
N TYR A 224 -0.96 -11.66 -19.45
CA TYR A 224 0.42 -11.87 -19.91
C TYR A 224 1.49 -11.07 -19.18
N ARG A 225 1.25 -10.80 -17.90
CA ARG A 225 2.23 -10.17 -17.01
C ARG A 225 2.63 -8.77 -17.51
N LYS A 226 1.68 -8.07 -18.12
CA LYS A 226 1.91 -6.69 -18.53
C LYS A 226 1.69 -5.76 -17.33
N PHE A 227 2.76 -5.53 -16.56
CA PHE A 227 2.72 -4.66 -15.38
C PHE A 227 3.27 -3.29 -15.74
N THR A 228 2.47 -2.25 -15.50
CA THR A 228 2.84 -0.87 -15.81
C THR A 228 2.23 0.02 -14.71
N SER A 229 2.51 1.31 -14.70
CA SER A 229 1.82 2.18 -13.73
C SER A 229 0.30 2.15 -13.92
N ALA A 230 -0.17 1.91 -15.16
CA ALA A 230 -1.60 1.77 -15.42
C ALA A 230 -2.22 0.50 -14.79
N SER A 231 -1.42 -0.55 -14.60
CA SER A 231 -1.92 -1.70 -13.83
C SER A 231 -1.99 -1.37 -12.34
N ASP A 232 -1.09 -0.52 -11.83
CA ASP A 232 -1.21 -0.03 -10.46
C ASP A 232 -2.48 0.85 -10.33
N VAL A 233 -2.80 1.61 -11.36
CA VAL A 233 -4.04 2.41 -11.33
C VAL A 233 -5.27 1.51 -11.20
N TRP A 234 -5.28 0.39 -11.95
CA TRP A 234 -6.33 -0.61 -11.77
C TRP A 234 -6.45 -1.04 -10.30
N SER A 235 -5.31 -1.42 -9.71
CA SER A 235 -5.25 -1.83 -8.31
C SER A 235 -5.80 -0.73 -7.41
N TYR A 236 -5.45 0.50 -7.72
CA TYR A 236 -5.93 1.64 -6.95
C TYR A 236 -7.46 1.69 -6.98
N GLY A 237 -8.05 1.44 -8.13
CA GLY A 237 -9.51 1.38 -8.24
C GLY A 237 -10.08 0.36 -7.26
N ILE A 238 -9.41 -0.79 -7.16
CA ILE A 238 -9.85 -1.83 -6.23
C ILE A 238 -9.72 -1.33 -4.78
N VAL A 239 -8.60 -0.69 -4.46
CA VAL A 239 -8.42 -0.10 -3.12
C VAL A 239 -9.53 0.93 -2.81
N LEU A 240 -9.86 1.75 -3.79
CA LEU A 240 -10.96 2.71 -3.67
C LEU A 240 -12.26 1.98 -3.29
N TRP A 241 -12.55 0.86 -3.95
CA TRP A 241 -13.72 0.06 -3.62
C TRP A 241 -13.60 -0.52 -2.21
N GLU A 242 -12.42 -1.01 -1.85
CA GLU A 242 -12.20 -1.56 -0.51
C GLU A 242 -12.48 -0.52 0.57
N VAL A 243 -12.00 0.70 0.38
CA VAL A 243 -12.13 1.74 1.38
C VAL A 243 -13.61 2.12 1.51
N MET A 244 -14.27 2.35 0.38
CA MET A 244 -15.67 2.77 0.43
C MET A 244 -16.58 1.65 0.92
N SER A 245 -16.09 0.42 0.90
CA SER A 245 -16.80 -0.75 1.42
C SER A 245 -16.36 -1.13 2.83
N TYR A 246 -15.54 -0.29 3.45
CA TYR A 246 -15.04 -0.57 4.79
C TYR A 246 -14.37 -1.94 4.91
N GLY A 247 -13.54 -2.28 3.92
CA GLY A 247 -12.69 -3.45 4.01
C GLY A 247 -13.36 -4.76 3.63
N GLU A 248 -14.46 -4.71 2.90
CA GLU A 248 -14.99 -5.92 2.26
CA GLU A 248 -14.97 -5.94 2.29
C GLU A 248 -13.91 -6.46 1.32
N ARG A 249 -13.89 -7.77 1.13
CA ARG A 249 -12.93 -8.40 0.22
C ARG A 249 -13.38 -8.21 -1.23
N PRO A 250 -12.49 -7.70 -2.11
CA PRO A 250 -12.85 -7.58 -3.51
C PRO A 250 -13.25 -8.92 -4.13
N TYR A 251 -14.42 -8.95 -4.78
CA TYR A 251 -14.97 -10.15 -5.40
C TYR A 251 -15.29 -11.25 -4.39
N TRP A 252 -15.35 -10.87 -3.12
CA TRP A 252 -15.72 -11.76 -2.03
C TRP A 252 -14.90 -13.05 -2.14
N GLU A 253 -15.52 -14.23 -2.12
CA GLU A 253 -14.78 -15.49 -2.25
C GLU A 253 -15.05 -16.21 -3.57
N MET A 254 -15.32 -15.43 -4.62
CA MET A 254 -15.51 -15.96 -5.96
C MET A 254 -14.31 -16.79 -6.38
N SER A 255 -14.55 -17.88 -7.09
CA SER A 255 -13.46 -18.66 -7.65
C SER A 255 -12.52 -17.73 -8.45
N ASN A 256 -11.21 -17.88 -8.30
CA ASN A 256 -10.25 -17.05 -9.03
C ASN A 256 -10.48 -17.08 -10.55
N GLN A 257 -10.78 -18.26 -11.07
CA GLN A 257 -11.08 -18.40 -12.50
C GLN A 257 -12.28 -17.56 -12.92
N ASP A 258 -13.26 -17.41 -12.01
CA ASP A 258 -14.43 -16.59 -12.26
C ASP A 258 -14.14 -15.09 -12.12
N VAL A 259 -13.28 -14.71 -11.19
CA VAL A 259 -12.84 -13.31 -11.11
C VAL A 259 -12.19 -12.91 -12.44
N ILE A 260 -11.29 -13.75 -12.94
CA ILE A 260 -10.59 -13.48 -14.20
C ILE A 260 -11.57 -13.40 -15.36
N LYS A 261 -12.45 -14.40 -15.47
CA LYS A 261 -13.38 -14.42 -16.61
C LYS A 261 -14.42 -13.29 -16.55
N ALA A 262 -14.98 -13.06 -15.36
CA ALA A 262 -16.02 -12.06 -15.19
C ALA A 262 -15.48 -10.67 -15.55
N VAL A 263 -14.31 -10.34 -15.01
CA VAL A 263 -13.70 -9.04 -15.31
C VAL A 263 -13.40 -8.92 -16.80
N ASP A 264 -12.90 -9.99 -17.40
CA ASP A 264 -12.63 -9.96 -18.84
C ASP A 264 -13.89 -9.70 -19.67
N GLU A 265 -15.01 -10.28 -19.24
CA GLU A 265 -16.30 -10.10 -19.92
C GLU A 265 -16.91 -8.70 -19.74
N GLY A 266 -16.27 -7.86 -18.91
CA GLY A 266 -16.74 -6.49 -18.67
C GLY A 266 -17.47 -6.27 -17.34
N TYR A 267 -17.60 -7.32 -16.54
CA TYR A 267 -18.21 -7.18 -15.22
C TYR A 267 -17.28 -6.47 -14.25
N ARG A 268 -17.88 -5.68 -13.37
CA ARG A 268 -17.12 -4.91 -12.38
C ARG A 268 -17.78 -4.99 -11.02
N LEU A 269 -16.99 -4.72 -9.98
CA LEU A 269 -17.54 -4.68 -8.64
C LEU A 269 -18.63 -3.61 -8.59
N PRO A 270 -19.71 -3.87 -7.85
CA PRO A 270 -20.86 -2.97 -7.77
C PRO A 270 -20.58 -1.80 -6.83
N PRO A 271 -21.38 -0.72 -6.95
CA PRO A 271 -21.12 0.40 -6.05
C PRO A 271 -21.33 0.00 -4.59
N PRO A 272 -20.36 0.35 -3.73
CA PRO A 272 -20.56 0.16 -2.30
C PRO A 272 -21.78 0.93 -1.80
N MET A 273 -22.32 0.51 -0.67
CA MET A 273 -23.51 1.16 -0.14
C MET A 273 -23.24 2.63 0.13
N ASP A 274 -24.19 3.47 -0.26
CA ASP A 274 -24.11 4.92 -0.08
C ASP A 274 -22.85 5.54 -0.71
N CYS A 275 -22.34 4.93 -1.77
CA CYS A 275 -21.13 5.45 -2.42
C CYS A 275 -21.46 6.66 -3.27
N PRO A 276 -20.74 7.77 -3.08
CA PRO A 276 -20.90 8.90 -4.01
C PRO A 276 -20.71 8.49 -5.46
N ALA A 277 -21.53 9.02 -6.35
CA ALA A 277 -21.43 8.78 -7.80
C ALA A 277 -20.03 9.09 -8.34
N ALA A 278 -19.47 10.21 -7.90
CA ALA A 278 -18.14 10.63 -8.31
C ALA A 278 -17.10 9.56 -8.04
N LEU A 279 -17.22 8.88 -6.91
CA LEU A 279 -16.22 7.88 -6.54
C LEU A 279 -16.45 6.56 -7.27
N TYR A 280 -17.71 6.18 -7.48
CA TYR A 280 -17.94 4.98 -8.28
C TYR A 280 -17.47 5.20 -9.71
N GLN A 281 -17.75 6.37 -10.27
CA GLN A 281 -17.21 6.69 -11.60
C GLN A 281 -15.70 6.60 -11.63
N LEU A 282 -15.03 7.08 -10.58
CA LEU A 282 -13.58 7.02 -10.54
C LEU A 282 -13.11 5.56 -10.54
N MET A 283 -13.80 4.69 -9.80
CA MET A 283 -13.50 3.25 -9.84
C MET A 283 -13.61 2.71 -11.27
N LEU A 284 -14.76 3.00 -11.90
CA LEU A 284 -14.97 2.54 -13.27
C LEU A 284 -13.89 3.02 -14.22
N ASP A 285 -13.47 4.27 -14.06
CA ASP A 285 -12.38 4.83 -14.86
C ASP A 285 -11.05 4.10 -14.61
N CYS A 286 -10.72 3.81 -13.35
CA CYS A 286 -9.54 3.00 -13.03
C CYS A 286 -9.62 1.59 -13.62
N TRP A 287 -10.83 1.09 -13.81
CA TRP A 287 -11.05 -0.26 -14.32
C TRP A 287 -11.35 -0.32 -15.82
N GLN A 288 -10.94 0.70 -16.57
CA GLN A 288 -11.12 0.62 -18.02
C GLN A 288 -10.35 -0.56 -18.60
N LYS A 289 -10.97 -1.27 -19.53
CA LYS A 289 -10.32 -2.41 -20.17
C LYS A 289 -9.02 -2.01 -20.84
N ASP A 290 -9.06 -0.90 -21.57
CA ASP A 290 -7.89 -0.34 -22.25
C ASP A 290 -7.07 0.46 -21.24
N ARG A 291 -5.87 -0.02 -20.93
CA ARG A 291 -5.02 0.63 -19.93
C ARG A 291 -4.67 2.07 -20.28
N ASN A 292 -4.61 2.38 -21.58
CA ASN A 292 -4.32 3.75 -22.01
C ASN A 292 -5.44 4.74 -21.67
N ASN A 293 -6.66 4.24 -21.40
CA ASN A 293 -7.80 5.08 -21.06
C ASN A 293 -7.97 5.32 -19.55
N ARG A 294 -7.15 4.66 -18.74
CA ARG A 294 -7.22 4.87 -17.29
C ARG A 294 -6.58 6.21 -16.95
N PRO A 295 -7.03 6.85 -15.85
CA PRO A 295 -6.38 8.11 -15.45
C PRO A 295 -4.97 7.85 -14.93
N LYS A 296 -4.09 8.85 -15.00
CA LYS A 296 -2.78 8.76 -14.37
C LYS A 296 -2.95 9.09 -12.89
N PHE A 297 -2.00 8.70 -12.05
CA PHE A 297 -2.12 9.00 -10.63
C PHE A 297 -2.24 10.50 -10.36
N GLU A 298 -1.53 11.34 -11.13
CA GLU A 298 -1.65 12.79 -10.95
C GLU A 298 -3.09 13.25 -11.17
N GLN A 299 -3.78 12.62 -12.11
CA GLN A 299 -5.18 12.95 -12.40
C GLN A 299 -6.09 12.51 -11.26
N ILE A 300 -5.80 11.34 -10.69
CA ILE A 300 -6.58 10.83 -9.56
C ILE A 300 -6.46 11.77 -8.37
N VAL A 301 -5.24 12.23 -8.09
CA VAL A 301 -5.02 13.13 -6.97
C VAL A 301 -5.81 14.41 -7.21
N SER A 302 -5.77 14.92 -8.43
CA SER A 302 -6.52 16.13 -8.79
C SER A 302 -8.04 15.95 -8.62
N ILE A 303 -8.54 14.80 -9.04
CA ILE A 303 -9.97 14.50 -8.92
C ILE A 303 -10.40 14.50 -7.45
N LEU A 304 -9.60 13.85 -6.60
CA LEU A 304 -9.93 13.77 -5.18
C LEU A 304 -9.79 15.12 -4.51
N ASP A 305 -8.77 15.90 -4.90
CA ASP A 305 -8.64 17.26 -4.36
C ASP A 305 -9.87 18.12 -4.66
N LYS A 306 -10.42 17.96 -5.86
CA LYS A 306 -11.63 18.73 -6.23
C LYS A 306 -12.82 18.32 -5.35
N LEU A 307 -12.95 17.03 -5.05
CA LEU A 307 -14.01 16.56 -4.18
C LEU A 307 -13.83 17.06 -2.75
N ILE A 308 -12.58 17.15 -2.30
CA ILE A 308 -12.28 17.69 -0.99
C ILE A 308 -12.67 19.17 -0.91
N ARG A 309 -12.39 19.90 -1.99
CA ARG A 309 -12.68 21.35 -2.05
C ARG A 309 -14.16 21.67 -2.25
N ASN A 310 -14.89 20.74 -2.87
CA ASN A 310 -16.31 20.91 -3.11
C ASN A 310 -17.05 19.70 -2.54
N PRO A 311 -17.08 19.55 -1.20
CA PRO A 311 -17.66 18.38 -0.55
C PRO A 311 -19.13 18.13 -0.88
N GLY A 312 -19.86 19.18 -1.27
CA GLY A 312 -21.23 19.01 -1.74
C GLY A 312 -21.33 18.02 -2.90
N SER A 313 -20.28 17.96 -3.72
CA SER A 313 -20.21 17.02 -4.83
C SER A 313 -20.43 15.58 -4.40
N LEU A 314 -20.00 15.24 -3.18
CA LEU A 314 -20.11 13.87 -2.66
C LEU A 314 -21.53 13.48 -2.27
N LYS A 315 -22.45 14.45 -2.24
CA LYS A 315 -23.83 14.19 -1.88
C LYS A 315 -24.64 13.51 -3.00
N ILE A 316 -24.16 13.55 -4.24
CA ILE A 316 -24.80 12.81 -5.31
C ILE A 316 -24.41 11.34 -5.17
N ILE A 317 -25.37 10.49 -4.83
CA ILE A 317 -25.13 9.08 -4.50
C ILE A 317 -25.54 8.15 -5.64
N THR A 318 -24.70 7.14 -5.91
CA THR A 318 -24.97 6.19 -7.00
C THR A 318 -26.30 5.47 -6.78
N ASN A 326 -23.19 -9.25 -6.22
CA ASN A 326 -23.44 -9.36 -7.65
C ASN A 326 -22.59 -8.35 -8.42
N LEU A 327 -21.91 -8.82 -9.46
CA LEU A 327 -21.11 -7.93 -10.31
C LEU A 327 -22.00 -7.24 -11.34
N LEU A 328 -21.64 -6.02 -11.72
CA LEU A 328 -22.40 -5.24 -12.69
C LEU A 328 -21.67 -5.20 -14.02
N LEU A 329 -22.39 -5.45 -15.12
CA LEU A 329 -21.76 -5.42 -16.43
C LEU A 329 -21.68 -3.98 -16.91
N ASP A 330 -20.48 -3.54 -17.25
CA ASP A 330 -20.34 -2.25 -17.95
C ASP A 330 -19.29 -2.46 -19.05
N GLN A 331 -19.62 -3.35 -19.97
CA GLN A 331 -18.98 -3.45 -21.27
C GLN A 331 -19.30 -2.17 -22.05
N SER A 332 -18.30 -1.58 -22.69
CA SER A 332 -18.47 -0.32 -23.42
C SER A 332 -19.15 0.78 -22.58
MG MG B . 1.22 -7.21 4.79
PG ANP C . 0.76 -10.11 6.99
O1G ANP C . 0.44 -11.23 6.02
O2G ANP C . 0.26 -10.40 8.38
O3G ANP C . 0.39 -8.73 6.49
PB ANP C . 3.54 -9.08 6.17
O1B ANP C . 4.78 -9.88 5.87
O2B ANP C . 2.77 -8.54 4.99
N3B ANP C . 2.51 -10.13 7.12
PA ANP C . 3.19 -6.55 7.43
O1A ANP C . 1.77 -6.66 6.94
O2A ANP C . 3.99 -5.34 7.02
O3A ANP C . 4.05 -7.86 7.08
O5' ANP C . 3.15 -6.60 9.04
C5' ANP C . 2.21 -7.41 9.75
C4' ANP C . 1.49 -6.56 10.76
O4' ANP C . 2.45 -5.83 11.54
C3' ANP C . 0.59 -5.50 10.13
O3' ANP C . -0.72 -5.97 9.84
C2' ANP C . 0.59 -4.40 11.16
O2' ANP C . -0.44 -4.64 12.13
C1' ANP C . 1.97 -4.52 11.81
N9 ANP C . 2.88 -3.49 11.23
C8 ANP C . 3.71 -3.58 10.17
N7 ANP C . 4.36 -2.41 9.96
C5 ANP C . 3.93 -1.56 10.90
C6 ANP C . 4.19 -0.15 11.24
N6 ANP C . 5.07 0.57 10.52
N1 ANP C . 3.53 0.37 12.31
C2 ANP C . 2.65 -0.34 13.04
N3 ANP C . 2.34 -1.63 12.76
C4 ANP C . 2.94 -2.26 11.73
#